data_5CTW
#
_entry.id   5CTW
#
_cell.length_a   141.320
_cell.length_b   56.079
_cell.length_c   50.183
_cell.angle_alpha   90.000
_cell.angle_beta   98.990
_cell.angle_gamma   90.000
#
_symmetry.space_group_name_H-M   'C 1 2 1'
#
loop_
_entity.id
_entity.type
_entity.pdbx_description
1 polymer 'DNA gyrase subunit B'
2 non-polymer 2-(butanoylamino)thiophene-3-carboxamide
3 non-polymer 'MAGNESIUM ION'
4 non-polymer 'CHLORIDE ION'
5 non-polymer (4S)-2-METHYL-2,4-PENTANEDIOL
6 water water
#
_entity_poly.entity_id   1
_entity_poly.type   'polypeptide(L)'
_entity_poly.pdbx_seq_one_letter_code
;GSVTALSDVNNTDNYGAGQIQVLEGLEAVRKRPGMYIGSTSERGLHHLVWEIVDNSIDEALAGYANQIEVVIEKDNWIKV
TDNGRGIPVDIQEKMGRPAVEVILTSSVVNALSQDLEVYVHRNETIYHQAYKKGVPQFDLKEVGTTDKTGTVIRFKADGE
IFTETTVYNYETLQQRIRELAFLNKGIQITLRDERDEENVREDSYHYEGGIK
;
_entity_poly.pdbx_strand_id   A,B
#
# COMPACT_ATOMS: atom_id res chain seq x y z
N ALA A 17 -4.25 -5.15 -2.22
CA ALA A 17 -5.12 -4.25 -1.41
C ALA A 17 -5.31 -2.88 -2.09
N GLY A 18 -4.23 -2.09 -2.19
CA GLY A 18 -4.29 -0.76 -2.81
C GLY A 18 -4.05 -0.70 -4.32
N GLN A 19 -4.02 -1.85 -4.99
CA GLN A 19 -3.70 -1.93 -6.44
C GLN A 19 -4.90 -1.51 -7.30
N ILE A 20 -6.07 -1.47 -6.67
CA ILE A 20 -7.37 -1.35 -7.32
C ILE A 20 -7.76 0.14 -7.53
N GLN A 21 -7.33 0.99 -6.60
CA GLN A 21 -7.54 2.45 -6.66
C GLN A 21 -6.70 3.10 -7.76
N VAL A 22 -5.58 2.46 -8.10
CA VAL A 22 -4.67 2.94 -9.15
C VAL A 22 -5.27 2.71 -10.54
N LEU A 23 -6.06 1.65 -10.71
CA LEU A 23 -6.59 1.27 -12.03
CA LEU A 23 -6.59 1.27 -12.02
C LEU A 23 -7.86 2.05 -12.42
N GLU A 24 -8.60 2.56 -11.44
CA GLU A 24 -9.73 3.46 -11.68
C GLU A 24 -9.24 4.87 -12.02
N GLY A 25 -8.09 5.22 -11.43
CA GLY A 25 -7.45 6.50 -11.77
C GLY A 25 -7.05 6.51 -13.24
N LEU A 26 -6.53 5.41 -13.72
CA LEU A 26 -6.15 5.36 -15.15
C LEU A 26 -7.38 5.43 -16.15
N GLU A 27 -8.45 4.67 -15.85
CA GLU A 27 -9.65 4.71 -16.68
C GLU A 27 -10.24 6.10 -16.74
N ALA A 28 -10.31 6.75 -15.58
CA ALA A 28 -10.79 8.14 -15.53
C ALA A 28 -10.03 9.11 -16.36
N VAL A 29 -8.70 9.06 -16.26
CA VAL A 29 -7.82 9.96 -17.01
C VAL A 29 -7.98 9.76 -18.51
N ARG A 30 -8.06 8.52 -18.89
CA ARG A 30 -8.21 8.09 -20.27
C ARG A 30 -9.61 8.19 -20.95
N LYS A 31 -10.69 8.42 -20.18
CA LYS A 31 -12.04 8.67 -20.74
C LYS A 31 -12.31 10.16 -20.83
N ARG A 32 -11.76 10.90 -19.87
CA ARG A 32 -11.90 12.33 -19.83
C ARG A 32 -10.53 13.02 -19.71
N PRO A 33 -9.63 12.81 -20.70
CA PRO A 33 -8.27 13.40 -20.60
C PRO A 33 -8.34 14.88 -20.52
N GLY A 34 -9.32 15.44 -21.23
CA GLY A 34 -9.57 16.83 -21.19
C GLY A 34 -9.71 17.38 -19.81
N MET A 35 -10.38 16.64 -18.91
CA MET A 35 -10.62 17.09 -17.52
C MET A 35 -9.27 17.23 -16.78
N TYR A 36 -8.30 16.43 -17.18
CA TYR A 36 -6.97 16.48 -16.58
C TYR A 36 -5.98 17.38 -17.27
N ILE A 37 -6.00 17.44 -18.62
CA ILE A 37 -4.98 18.19 -19.37
C ILE A 37 -5.47 19.33 -20.28
N GLY A 38 -6.78 19.58 -20.32
CA GLY A 38 -7.31 20.68 -21.16
C GLY A 38 -7.89 20.16 -22.46
N SER A 39 -7.11 19.37 -23.20
CA SER A 39 -7.57 18.79 -24.45
C SER A 39 -6.73 17.60 -24.86
N THR A 40 -7.22 16.91 -25.87
CA THR A 40 -6.52 15.81 -26.51
C THR A 40 -5.86 16.23 -27.81
N SER A 41 -5.84 17.52 -28.05
CA SER A 41 -5.30 18.18 -29.23
C SER A 41 -3.80 18.47 -28.99
N GLU A 42 -3.21 19.31 -29.85
CA GLU A 42 -1.79 19.66 -29.80
C GLU A 42 -1.41 20.25 -28.44
N ARG A 43 -2.29 21.09 -27.91
CA ARG A 43 -2.03 21.77 -26.61
C ARG A 43 -1.92 20.82 -25.41
N GLY A 44 -2.73 19.77 -25.43
CA GLY A 44 -2.68 18.73 -24.45
C GLY A 44 -1.43 17.89 -24.64
N LEU A 45 -1.07 17.62 -25.90
CA LEU A 45 0.13 16.86 -26.15
C LEU A 45 1.34 17.56 -25.46
N HIS A 46 1.39 18.89 -25.56
CA HIS A 46 2.50 19.68 -25.01
C HIS A 46 2.37 19.83 -23.50
N HIS A 47 1.15 19.95 -22.97
CA HIS A 47 0.98 19.76 -21.52
C HIS A 47 1.69 18.50 -20.88
N LEU A 48 1.77 17.37 -21.59
CA LEU A 48 2.46 16.19 -21.10
C LEU A 48 3.96 16.54 -20.71
N VAL A 49 4.61 17.34 -21.52
CA VAL A 49 6.01 17.70 -21.29
C VAL A 49 6.10 18.56 -20.04
N TRP A 50 5.20 19.52 -19.93
CA TRP A 50 5.17 20.45 -18.78
C TRP A 50 4.98 19.68 -17.47
N GLU A 51 4.15 18.64 -17.47
CA GLU A 51 3.96 17.86 -16.23
C GLU A 51 5.27 17.21 -15.77
N ILE A 52 5.99 16.58 -16.70
CA ILE A 52 7.19 15.89 -16.37
C ILE A 52 8.29 16.90 -15.97
N VAL A 53 8.39 18.00 -16.74
CA VAL A 53 9.43 19.01 -16.48
C VAL A 53 9.23 19.66 -15.10
N ASP A 54 7.98 19.91 -14.75
CA ASP A 54 7.73 20.45 -13.37
C ASP A 54 8.27 19.55 -12.26
N ASN A 55 8.19 18.24 -12.40
CA ASN A 55 8.83 17.34 -11.36
C ASN A 55 10.33 17.57 -11.24
N SER A 56 11.04 17.63 -12.36
CA SER A 56 12.46 17.92 -12.38
C SER A 56 12.73 19.30 -11.77
N ILE A 57 11.94 20.29 -12.14
CA ILE A 57 12.14 21.65 -11.55
C ILE A 57 12.00 21.57 -10.00
N ASP A 58 11.09 20.73 -9.47
CA ASP A 58 11.02 20.56 -7.99
C ASP A 58 12.29 19.96 -7.38
N GLU A 59 12.97 19.04 -8.10
CA GLU A 59 14.26 18.52 -7.65
CA GLU A 59 14.23 18.52 -7.60
C GLU A 59 15.28 19.61 -7.49
N ALA A 60 15.23 20.60 -8.38
CA ALA A 60 16.21 21.68 -8.39
C ALA A 60 15.82 22.65 -7.28
N LEU A 61 14.54 22.93 -7.16
CA LEU A 61 14.09 23.83 -6.03
C LEU A 61 14.46 23.25 -4.65
N ALA A 62 14.42 21.93 -4.50
CA ALA A 62 14.81 21.19 -3.30
C ALA A 62 16.29 21.25 -2.97
N GLY A 63 17.12 21.63 -3.97
CA GLY A 63 18.51 21.76 -3.84
C GLY A 63 19.39 20.66 -4.48
N TYR A 64 18.76 19.73 -5.19
CA TYR A 64 19.48 18.53 -5.63
C TYR A 64 19.90 18.57 -7.12
N ALA A 65 18.94 18.88 -7.98
CA ALA A 65 19.23 19.02 -9.42
C ALA A 65 19.72 20.42 -9.80
N ASN A 66 20.56 20.53 -10.81
CA ASN A 66 20.85 21.80 -11.44
C ASN A 66 20.77 21.79 -12.95
N GLN A 67 20.49 20.60 -13.56
CA GLN A 67 20.45 20.45 -15.01
C GLN A 67 19.23 19.63 -15.37
N ILE A 68 18.52 20.11 -16.35
CA ILE A 68 17.38 19.41 -16.90
C ILE A 68 17.54 19.44 -18.44
N GLU A 69 17.30 18.30 -19.08
CA GLU A 69 17.40 18.23 -20.54
C GLU A 69 16.13 17.62 -21.12
N VAL A 70 15.57 18.29 -22.11
CA VAL A 70 14.32 17.91 -22.74
C VAL A 70 14.71 17.61 -24.21
N VAL A 71 14.50 16.39 -24.64
CA VAL A 71 14.81 16.02 -26.05
C VAL A 71 13.57 15.51 -26.76
N ILE A 72 13.34 16.06 -27.94
CA ILE A 72 12.34 15.53 -28.89
C ILE A 72 13.05 14.53 -29.75
N GLU A 73 12.85 13.25 -29.50
CA GLU A 73 13.54 12.13 -30.11
C GLU A 73 12.80 11.67 -31.38
N LYS A 74 13.52 10.88 -32.17
CA LYS A 74 12.93 10.12 -33.32
C LYS A 74 11.56 9.53 -32.94
N ASP A 75 10.63 9.73 -33.86
CA ASP A 75 9.23 9.25 -33.74
C ASP A 75 8.46 9.82 -32.56
N ASN A 76 8.81 11.08 -32.30
CA ASN A 76 8.20 11.97 -31.29
C ASN A 76 8.04 11.32 -29.92
N TRP A 77 9.07 10.60 -29.51
CA TRP A 77 9.31 10.39 -28.08
C TRP A 77 9.86 11.66 -27.47
N ILE A 78 9.42 11.95 -26.23
CA ILE A 78 10.03 12.99 -25.40
C ILE A 78 10.88 12.33 -24.31
N LYS A 79 12.09 12.85 -24.08
CA LYS A 79 13.00 12.32 -23.04
C LYS A 79 13.27 13.50 -22.13
N VAL A 80 13.00 13.31 -20.83
CA VAL A 80 13.34 14.37 -19.85
C VAL A 80 14.31 13.77 -18.87
N THR A 81 15.45 14.48 -18.66
CA THR A 81 16.53 13.97 -17.77
C THR A 81 16.80 15.07 -16.77
N ASP A 82 16.95 14.67 -15.53
CA ASP A 82 17.52 15.62 -14.52
C ASP A 82 18.59 14.98 -13.77
N ASN A 83 19.42 15.77 -13.08
CA ASN A 83 20.44 15.21 -12.18
C ASN A 83 20.00 15.44 -10.66
N GLY A 84 18.76 15.18 -10.37
CA GLY A 84 18.26 15.24 -8.95
C GLY A 84 18.55 13.96 -8.17
N ARG A 85 17.66 13.61 -7.23
CA ARG A 85 17.88 12.51 -6.28
C ARG A 85 17.68 11.18 -6.89
N GLY A 86 16.99 11.15 -8.02
CA GLY A 86 16.44 9.84 -8.51
C GLY A 86 15.17 9.48 -7.82
N ILE A 87 14.18 9.02 -8.54
CA ILE A 87 12.92 8.65 -7.89
C ILE A 87 13.24 7.47 -6.92
N PRO A 88 12.66 7.48 -5.71
CA PRO A 88 12.95 6.34 -4.78
C PRO A 88 12.50 4.98 -5.30
N VAL A 89 13.24 3.97 -4.91
CA VAL A 89 12.95 2.60 -5.29
C VAL A 89 12.53 1.68 -4.15
N ASP A 90 12.58 2.17 -2.91
CA ASP A 90 12.22 1.35 -1.76
C ASP A 90 10.79 0.83 -1.82
N ILE A 91 10.60 -0.35 -1.24
CA ILE A 91 9.32 -1.02 -1.26
C ILE A 91 8.37 -0.24 -0.34
N GLN A 92 7.20 0.11 -0.87
CA GLN A 92 6.14 0.69 -0.05
C GLN A 92 5.29 -0.38 0.61
N GLU A 93 5.06 -0.27 1.92
CA GLU A 93 4.33 -1.32 2.67
C GLU A 93 2.89 -1.52 2.16
N LYS A 94 2.21 -0.40 1.96
CA LYS A 94 0.83 -0.36 1.46
C LYS A 94 0.56 -0.92 0.05
N MET A 95 1.39 -0.56 -0.94
CA MET A 95 1.31 -1.19 -2.28
C MET A 95 2.10 -2.50 -2.35
N GLY A 96 3.15 -2.65 -1.54
CA GLY A 96 4.09 -3.77 -1.61
C GLY A 96 5.11 -3.68 -2.76
N ARG A 97 5.23 -2.49 -3.33
CA ARG A 97 5.90 -2.30 -4.62
C ARG A 97 6.89 -1.16 -4.48
N PRO A 98 7.91 -1.13 -5.33
CA PRO A 98 8.78 0.04 -5.39
C PRO A 98 8.08 1.42 -5.56
N ALA A 99 8.53 2.39 -4.76
CA ALA A 99 8.06 3.78 -4.82
C ALA A 99 7.93 4.35 -6.23
N VAL A 100 8.97 4.12 -7.07
CA VAL A 100 8.88 4.60 -8.47
C VAL A 100 7.69 4.08 -9.28
N GLU A 101 7.42 2.77 -9.11
CA GLU A 101 6.30 2.19 -9.73
C GLU A 101 4.98 2.80 -9.25
N VAL A 102 4.88 3.08 -7.92
CA VAL A 102 3.69 3.74 -7.40
C VAL A 102 3.48 5.16 -7.96
N ILE A 103 4.56 5.91 -7.95
CA ILE A 103 4.62 7.27 -8.45
C ILE A 103 4.20 7.36 -9.93
N LEU A 104 4.77 6.46 -10.73
CA LEU A 104 4.52 6.49 -12.16
C LEU A 104 3.18 5.90 -12.64
N THR A 105 2.65 4.91 -11.92
CA THR A 105 1.29 4.43 -12.14
C THR A 105 0.21 5.37 -11.62
N SER A 106 0.45 6.51 -10.92
CA SER A 106 -0.56 7.54 -10.76
C SER A 106 -0.29 8.81 -11.55
N SER A 107 0.61 8.73 -12.54
CA SER A 107 1.03 9.84 -13.36
C SER A 107 0.05 9.99 -14.49
N VAL A 108 -0.49 11.17 -14.68
CA VAL A 108 -1.35 11.53 -15.84
C VAL A 108 -0.58 11.27 -17.15
N VAL A 109 0.71 11.61 -17.14
CA VAL A 109 1.45 11.54 -18.42
C VAL A 109 1.52 10.14 -18.84
N ASN A 110 1.86 9.25 -17.91
CA ASN A 110 2.00 7.85 -18.14
C ASN A 110 0.69 7.24 -18.68
N ALA A 111 -0.41 7.60 -18.04
CA ALA A 111 -1.76 7.18 -18.48
C ALA A 111 -2.06 7.50 -19.93
N LEU A 112 -1.64 8.67 -20.37
CA LEU A 112 -1.89 9.17 -21.69
C LEU A 112 -0.74 8.88 -22.74
N SER A 113 0.13 7.91 -22.41
CA SER A 113 1.28 7.47 -23.20
C SER A 113 1.10 6.03 -23.66
N GLN A 114 1.21 5.81 -24.96
CA GLN A 114 1.26 4.38 -25.33
C GLN A 114 2.43 3.69 -24.76
N ASP A 115 3.58 4.40 -24.58
CA ASP A 115 4.72 3.81 -24.03
C ASP A 115 5.47 4.91 -23.21
N LEU A 116 5.98 4.46 -22.10
CA LEU A 116 6.81 5.25 -21.19
C LEU A 116 7.83 4.40 -20.57
N GLU A 117 9.04 4.97 -20.44
CA GLU A 117 10.14 4.30 -19.80
CA GLU A 117 10.23 4.37 -19.92
C GLU A 117 10.79 5.25 -18.77
N VAL A 118 11.21 4.65 -17.71
CA VAL A 118 11.99 5.30 -16.68
C VAL A 118 13.34 4.67 -16.46
N TYR A 119 14.41 5.47 -16.30
CA TYR A 119 15.64 5.03 -15.78
C TYR A 119 15.99 5.87 -14.56
N VAL A 120 16.25 5.23 -13.46
CA VAL A 120 16.65 5.93 -12.21
C VAL A 120 18.08 5.65 -11.87
N HIS A 121 18.90 6.68 -11.62
CA HIS A 121 20.22 6.52 -11.12
C HIS A 121 20.16 6.85 -9.65
N ARG A 122 20.42 5.86 -8.82
CA ARG A 122 20.34 6.04 -7.35
C ARG A 122 20.97 4.85 -6.68
N ASN A 123 21.64 5.05 -5.56
CA ASN A 123 22.21 3.90 -4.82
C ASN A 123 23.24 3.25 -5.73
N GLU A 124 23.98 4.06 -6.50
CA GLU A 124 25.04 3.59 -7.40
C GLU A 124 24.53 2.52 -8.36
N THR A 125 23.22 2.55 -8.65
CA THR A 125 22.54 1.57 -9.46
C THR A 125 21.70 2.25 -10.48
N ILE A 126 21.56 1.64 -11.67
CA ILE A 126 20.65 2.10 -12.63
C ILE A 126 19.47 1.15 -12.60
N TYR A 127 18.28 1.69 -12.31
CA TYR A 127 16.99 0.94 -12.38
C TYR A 127 16.12 1.32 -13.61
N HIS A 128 15.34 0.38 -14.18
CA HIS A 128 14.55 0.55 -15.36
C HIS A 128 13.19 -0.09 -15.18
N GLN A 129 12.17 0.62 -15.63
CA GLN A 129 10.79 0.10 -15.86
C GLN A 129 10.15 0.69 -17.02
N ALA A 130 9.23 -0.06 -17.72
CA ALA A 130 8.47 0.47 -18.76
C ALA A 130 6.98 0.21 -18.59
N TYR A 131 6.18 1.04 -19.21
CA TYR A 131 4.73 1.03 -19.10
C TYR A 131 4.05 1.30 -20.44
N LYS A 132 2.77 0.88 -20.58
CA LYS A 132 1.91 1.25 -21.69
C LYS A 132 0.56 1.72 -21.18
N LYS A 133 0.09 2.86 -21.64
CA LYS A 133 -1.17 3.43 -21.15
C LYS A 133 -1.29 3.44 -19.62
N GLY A 134 -0.15 3.56 -18.94
CA GLY A 134 -0.05 3.61 -17.47
C GLY A 134 0.27 2.28 -16.77
N VAL A 135 0.26 1.19 -17.53
CA VAL A 135 0.37 -0.14 -16.98
C VAL A 135 1.76 -0.73 -17.09
N PRO A 136 2.36 -1.17 -15.96
CA PRO A 136 3.73 -1.68 -15.95
C PRO A 136 3.87 -2.88 -16.82
N GLN A 137 4.90 -2.90 -17.64
CA GLN A 137 5.03 -4.01 -18.61
C GLN A 137 5.90 -5.09 -18.02
N PHE A 138 6.62 -4.77 -16.96
CA PHE A 138 7.48 -5.69 -16.26
CA PHE A 138 7.43 -5.73 -16.22
C PHE A 138 7.89 -5.07 -14.93
N ASP A 139 8.49 -5.87 -14.04
CA ASP A 139 8.87 -5.37 -12.69
C ASP A 139 10.11 -4.46 -12.78
N LEU A 140 10.26 -3.56 -11.80
CA LEU A 140 11.47 -2.77 -11.64
C LEU A 140 12.71 -3.64 -11.64
N LYS A 141 13.62 -3.34 -12.57
CA LYS A 141 14.91 -4.03 -12.54
C LYS A 141 16.16 -3.20 -12.60
N GLU A 142 17.15 -3.72 -11.92
CA GLU A 142 18.50 -3.22 -11.96
C GLU A 142 19.12 -3.64 -13.27
N VAL A 143 19.49 -2.63 -14.06
CA VAL A 143 20.08 -2.88 -15.41
C VAL A 143 21.54 -2.44 -15.54
N GLY A 144 22.09 -1.76 -14.54
CA GLY A 144 23.45 -1.23 -14.63
C GLY A 144 23.92 -0.60 -13.33
N THR A 145 25.09 0.03 -13.39
CA THR A 145 25.67 0.77 -12.29
C THR A 145 26.02 2.19 -12.73
N THR A 146 26.24 3.04 -11.75
CA THR A 146 26.32 4.51 -11.98
C THR A 146 26.97 5.19 -10.78
N ASP A 147 27.63 6.29 -11.05
CA ASP A 147 28.14 7.18 -9.99
C ASP A 147 27.45 8.56 -9.95
N LYS A 148 26.38 8.68 -10.71
CA LYS A 148 25.52 9.87 -10.71
C LYS A 148 24.16 9.52 -10.06
N THR A 149 23.41 10.55 -9.68
CA THR A 149 22.00 10.39 -9.35
C THR A 149 21.15 11.20 -10.33
N GLY A 150 19.92 10.74 -10.60
CA GLY A 150 18.96 11.47 -11.36
C GLY A 150 17.91 10.56 -11.93
N THR A 151 17.13 11.14 -12.77
CA THR A 151 15.99 10.44 -13.37
C THR A 151 15.89 10.78 -14.83
N VAL A 152 15.68 9.73 -15.67
CA VAL A 152 15.30 9.84 -17.05
C VAL A 152 13.95 9.28 -17.27
N ILE A 153 13.07 10.08 -17.89
CA ILE A 153 11.73 9.65 -18.32
C ILE A 153 11.62 9.82 -19.85
N ARG A 154 11.33 8.70 -20.56
CA ARG A 154 10.95 8.85 -21.97
C ARG A 154 9.54 8.32 -22.23
N PHE A 155 8.75 9.11 -22.91
CA PHE A 155 7.35 8.73 -23.19
C PHE A 155 6.92 9.06 -24.62
N LYS A 156 5.97 8.26 -25.15
CA LYS A 156 5.40 8.47 -26.47
C LYS A 156 3.89 8.70 -26.27
N ALA A 157 3.40 9.91 -26.52
CA ALA A 157 1.99 10.19 -26.44
C ALA A 157 1.12 9.08 -27.18
N ASP A 158 -0.02 8.70 -26.59
CA ASP A 158 -0.85 7.57 -27.10
C ASP A 158 -1.64 8.11 -28.26
N GLY A 159 -1.43 7.47 -29.42
CA GLY A 159 -2.20 7.83 -30.59
C GLY A 159 -3.68 7.45 -30.49
N GLU A 160 -4.01 6.44 -29.70
CA GLU A 160 -5.45 6.14 -29.42
C GLU A 160 -6.09 7.21 -28.55
N ILE A 161 -5.30 8.09 -27.92
CA ILE A 161 -5.82 9.23 -27.12
C ILE A 161 -5.65 10.54 -27.85
N PHE A 162 -4.44 10.71 -28.38
CA PHE A 162 -4.04 11.81 -29.20
C PHE A 162 -4.23 11.34 -30.61
N THR A 163 -5.50 11.28 -30.99
CA THR A 163 -5.91 10.83 -32.31
C THR A 163 -5.74 11.89 -33.45
N GLU A 164 -5.61 13.17 -33.11
CA GLU A 164 -5.34 14.28 -34.06
C GLU A 164 -3.84 14.40 -34.45
N THR A 165 -2.97 14.67 -33.47
CA THR A 165 -1.52 14.84 -33.71
C THR A 165 -0.73 14.42 -32.51
N THR A 166 0.31 13.64 -32.76
CA THR A 166 1.26 13.31 -31.77
C THR A 166 2.66 13.88 -32.16
N VAL A 167 2.71 14.91 -33.01
CA VAL A 167 3.95 15.55 -33.47
C VAL A 167 4.17 16.82 -32.63
N TYR A 168 5.29 16.91 -31.93
CA TYR A 168 5.61 18.17 -31.18
C TYR A 168 6.08 19.36 -32.06
N ASN A 169 5.98 20.53 -31.51
CA ASN A 169 6.33 21.73 -32.15
C ASN A 169 7.50 22.32 -31.35
N TYR A 170 8.67 22.40 -31.97
CA TYR A 170 9.84 22.97 -31.29
C TYR A 170 9.66 24.35 -30.69
N GLU A 171 9.11 25.32 -31.43
CA GLU A 171 9.03 26.68 -30.90
C GLU A 171 8.13 26.74 -29.66
N THR A 172 7.09 25.90 -29.60
CA THR A 172 6.25 25.93 -28.39
CA THR A 172 6.20 25.79 -28.43
C THR A 172 7.04 25.37 -27.19
N LEU A 173 7.78 24.31 -27.37
CA LEU A 173 8.63 23.82 -26.29
C LEU A 173 9.69 24.87 -25.92
N GLN A 174 10.33 25.44 -26.94
CA GLN A 174 11.41 26.41 -26.70
C GLN A 174 10.97 27.57 -25.89
N GLN A 175 9.83 28.10 -26.28
CA GLN A 175 9.26 29.25 -25.62
CA GLN A 175 9.35 29.28 -25.61
C GLN A 175 9.08 29.01 -24.11
N ARG A 176 8.41 27.93 -23.78
CA ARG A 176 8.11 27.67 -22.36
CA ARG A 176 8.11 27.60 -22.38
C ARG A 176 9.38 27.32 -21.55
N ILE A 177 10.28 26.52 -22.12
CA ILE A 177 11.54 26.16 -21.46
C ILE A 177 12.36 27.41 -21.07
N ARG A 178 12.40 28.39 -21.96
CA ARG A 178 13.15 29.55 -21.68
C ARG A 178 12.55 30.35 -20.53
N GLU A 179 11.24 30.46 -20.53
CA GLU A 179 10.48 31.14 -19.46
C GLU A 179 10.75 30.40 -18.15
N LEU A 180 10.62 29.09 -18.17
CA LEU A 180 10.96 28.34 -16.94
C LEU A 180 12.39 28.53 -16.39
N ALA A 181 13.43 28.55 -17.25
CA ALA A 181 14.78 28.76 -16.75
C ALA A 181 14.95 30.20 -16.22
N PHE A 182 14.26 31.13 -16.85
CA PHE A 182 14.26 32.54 -16.41
C PHE A 182 13.58 32.66 -15.06
N LEU A 183 12.46 31.98 -14.89
CA LEU A 183 11.77 31.98 -13.57
C LEU A 183 12.57 31.28 -12.48
N ASN A 184 13.15 30.14 -12.83
CA ASN A 184 13.86 29.29 -11.91
C ASN A 184 15.37 29.45 -12.07
N LYS A 185 15.88 30.50 -11.45
CA LYS A 185 17.25 30.92 -11.68
C LYS A 185 18.27 29.92 -11.19
N GLY A 186 19.30 29.68 -12.03
CA GLY A 186 20.37 28.80 -11.68
C GLY A 186 20.18 27.41 -12.24
N ILE A 187 19.00 27.13 -12.79
CA ILE A 187 18.82 25.78 -13.40
C ILE A 187 19.21 25.86 -14.89
N GLN A 188 20.09 24.98 -15.32
CA GLN A 188 20.42 24.88 -16.75
C GLN A 188 19.33 24.04 -17.39
N ILE A 189 18.58 24.56 -18.34
CA ILE A 189 17.57 23.76 -19.02
C ILE A 189 17.84 23.74 -20.51
N THR A 190 18.02 22.54 -21.05
CA THR A 190 18.39 22.43 -22.44
C THR A 190 17.25 21.77 -23.19
N LEU A 191 16.92 22.29 -24.38
CA LEU A 191 15.97 21.64 -25.31
C LEU A 191 16.71 21.17 -26.57
N ARG A 192 16.48 19.97 -26.99
CA ARG A 192 17.11 19.52 -28.27
C ARG A 192 16.06 18.80 -29.11
N ASP A 193 16.09 19.06 -30.42
CA ASP A 193 15.23 18.35 -31.39
C ASP A 193 16.09 17.49 -32.25
N GLU A 194 15.98 16.18 -32.05
CA GLU A 194 16.71 15.11 -32.73
C GLU A 194 15.93 14.32 -33.78
N ARG A 195 14.78 14.77 -34.08
CA ARG A 195 13.93 13.97 -34.98
C ARG A 195 14.44 13.94 -36.39
N ASP A 196 15.05 15.04 -36.85
CA ASP A 196 15.76 15.03 -38.17
C ASP A 196 17.26 14.90 -37.87
N GLU A 197 17.74 13.67 -37.86
CA GLU A 197 19.18 13.32 -37.81
C GLU A 197 20.13 14.29 -38.55
N GLU A 198 19.66 14.85 -39.67
CA GLU A 198 20.45 15.77 -40.52
C GLU A 198 20.51 17.23 -40.06
N ASN A 199 19.60 17.66 -39.20
CA ASN A 199 19.62 19.01 -38.71
C ASN A 199 19.08 18.97 -37.30
N VAL A 200 20.02 18.80 -36.37
CA VAL A 200 19.68 18.81 -34.94
C VAL A 200 19.86 20.20 -34.35
N ARG A 201 18.86 20.67 -33.63
CA ARG A 201 18.74 22.01 -33.11
C ARG A 201 18.73 21.89 -31.57
N GLU A 202 19.47 22.79 -30.94
CA GLU A 202 19.55 22.86 -29.45
C GLU A 202 19.58 24.26 -28.91
N ASP A 203 18.89 24.50 -27.80
CA ASP A 203 18.85 25.77 -27.17
C ASP A 203 19.08 25.40 -25.69
N SER A 204 19.99 26.14 -25.06
CA SER A 204 20.30 25.90 -23.64
C SER A 204 20.23 27.18 -22.87
N TYR A 205 19.41 27.14 -21.82
CA TYR A 205 19.12 28.35 -21.00
C TYR A 205 19.64 28.21 -19.60
N HIS A 206 20.31 29.24 -19.12
CA HIS A 206 20.84 29.24 -17.82
C HIS A 206 20.95 30.67 -17.31
N TYR A 207 20.03 31.06 -16.46
CA TYR A 207 20.06 32.43 -15.91
C TYR A 207 20.78 32.56 -14.56
N GLU A 208 21.27 33.78 -14.33
CA GLU A 208 22.30 34.13 -13.36
C GLU A 208 23.52 33.21 -13.45
N GLY B 18 15.88 -6.78 9.75
CA GLY B 18 14.48 -7.10 9.36
C GLY B 18 13.42 -6.90 10.44
N GLN B 19 13.58 -5.86 11.25
CA GLN B 19 12.72 -5.58 12.40
C GLN B 19 12.05 -4.21 12.25
N ILE B 20 12.84 -3.23 11.81
CA ILE B 20 12.31 -1.99 11.24
C ILE B 20 11.29 -2.24 10.12
N GLN B 21 11.37 -3.39 9.45
CA GLN B 21 10.41 -3.78 8.44
C GLN B 21 9.03 -4.10 9.03
N VAL B 22 9.07 -4.86 10.12
CA VAL B 22 7.88 -5.17 10.89
C VAL B 22 7.37 -3.88 11.54
N LEU B 23 8.26 -3.17 12.21
CA LEU B 23 7.92 -1.95 12.93
C LEU B 23 7.33 -0.88 12.01
N GLU B 24 7.83 -0.79 10.78
CA GLU B 24 7.31 0.16 9.80
C GLU B 24 5.99 -0.34 9.21
N GLY B 25 5.77 -1.67 9.14
CA GLY B 25 4.46 -2.25 8.83
C GLY B 25 3.43 -1.76 9.85
N LEU B 26 3.78 -1.85 11.13
CA LEU B 26 2.89 -1.44 12.23
C LEU B 26 2.61 0.05 12.17
N GLU B 27 3.65 0.85 11.96
CA GLU B 27 3.50 2.31 11.98
C GLU B 27 2.67 2.78 10.83
N ALA B 28 2.82 2.13 9.69
CA ALA B 28 2.03 2.36 8.52
C ALA B 28 0.58 2.10 8.70
N VAL B 29 0.26 0.99 9.36
CA VAL B 29 -1.13 0.60 9.58
C VAL B 29 -1.87 1.66 10.35
N ARG B 30 -1.25 2.12 11.40
CA ARG B 30 -1.80 3.11 12.28
C ARG B 30 -1.96 4.48 11.59
N LYS B 31 -1.39 4.63 10.37
CA LYS B 31 -1.59 5.80 9.46
CA LYS B 31 -1.63 5.79 9.51
C LYS B 31 -2.72 5.60 8.46
N ARG B 32 -2.74 4.47 7.77
CA ARG B 32 -3.76 4.23 6.77
C ARG B 32 -4.72 3.16 7.23
N PRO B 33 -5.28 3.26 8.49
CA PRO B 33 -6.24 2.22 8.78
C PRO B 33 -7.16 1.90 7.65
N GLY B 34 -7.71 2.96 7.01
CA GLY B 34 -8.61 2.83 5.89
C GLY B 34 -8.25 1.88 4.76
N MET B 35 -7.00 1.89 4.28
CA MET B 35 -6.64 0.94 3.20
CA MET B 35 -6.51 0.96 3.24
C MET B 35 -6.52 -0.48 3.70
N TYR B 36 -6.29 -0.65 5.01
CA TYR B 36 -6.18 -1.97 5.63
C TYR B 36 -7.56 -2.54 6.04
N ILE B 37 -8.39 -1.73 6.69
CA ILE B 37 -9.73 -2.20 7.17
C ILE B 37 -10.96 -1.59 6.46
N GLY B 38 -10.77 -0.50 5.72
CA GLY B 38 -11.86 0.09 4.91
C GLY B 38 -12.29 1.46 5.43
N SER B 39 -12.38 1.59 6.75
CA SER B 39 -12.87 2.82 7.40
C SER B 39 -12.50 2.73 8.87
N THR B 40 -12.33 3.84 9.59
CA THR B 40 -12.27 3.78 11.06
C THR B 40 -13.65 3.99 11.74
N SER B 41 -14.72 3.72 11.01
CA SER B 41 -16.11 3.93 11.46
C SER B 41 -16.53 2.65 12.14
N GLU B 42 -17.80 2.58 12.57
CA GLU B 42 -18.37 1.35 13.13
C GLU B 42 -18.11 0.11 12.28
N ARG B 43 -18.17 0.28 10.96
CA ARG B 43 -17.87 -0.82 10.05
C ARG B 43 -16.38 -1.32 10.17
N GLY B 44 -15.46 -0.39 10.32
CA GLY B 44 -14.01 -0.73 10.51
C GLY B 44 -13.81 -1.43 11.84
N LEU B 45 -14.58 -0.99 12.82
CA LEU B 45 -14.47 -1.59 14.15
C LEU B 45 -14.82 -3.09 14.11
N HIS B 46 -15.94 -3.44 13.41
CA HIS B 46 -16.41 -4.79 13.29
C HIS B 46 -15.53 -5.57 12.44
N HIS B 47 -14.86 -4.92 11.47
CA HIS B 47 -13.89 -5.64 10.66
C HIS B 47 -12.74 -6.28 11.45
N LEU B 48 -12.34 -5.68 12.58
CA LEU B 48 -11.34 -6.25 13.49
C LEU B 48 -11.72 -7.62 13.93
N VAL B 49 -12.98 -7.74 14.35
CA VAL B 49 -13.48 -9.05 14.78
C VAL B 49 -13.40 -10.02 13.61
N TRP B 50 -13.78 -9.58 12.41
CA TRP B 50 -13.74 -10.55 11.32
C TRP B 50 -12.34 -11.02 10.88
N GLU B 51 -11.33 -10.19 11.06
CA GLU B 51 -9.95 -10.60 10.74
C GLU B 51 -9.52 -11.73 11.69
N ILE B 52 -9.87 -11.57 12.97
CA ILE B 52 -9.42 -12.54 13.97
C ILE B 52 -10.19 -13.84 13.79
N VAL B 53 -11.50 -13.74 13.60
CA VAL B 53 -12.33 -14.90 13.43
C VAL B 53 -11.90 -15.60 12.18
N ASP B 54 -11.49 -14.85 11.16
CA ASP B 54 -11.04 -15.49 9.92
CA ASP B 54 -11.07 -15.51 9.95
C ASP B 54 -9.87 -16.45 10.16
N ASN B 55 -8.95 -16.13 11.07
CA ASN B 55 -7.88 -17.16 11.40
C ASN B 55 -8.43 -18.43 12.05
N SER B 56 -9.44 -18.28 12.92
CA SER B 56 -10.03 -19.52 13.50
C SER B 56 -10.74 -20.30 12.41
N ILE B 57 -11.45 -19.61 11.49
CA ILE B 57 -12.15 -20.30 10.42
C ILE B 57 -11.15 -21.04 9.52
N ASP B 58 -10.03 -20.39 9.28
CA ASP B 58 -8.93 -21.12 8.61
C ASP B 58 -8.50 -22.40 9.31
N GLU B 59 -8.39 -22.46 10.65
CA GLU B 59 -8.19 -23.74 11.31
C GLU B 59 -9.24 -24.85 11.12
N ALA B 60 -10.50 -24.44 11.07
CA ALA B 60 -11.59 -25.37 10.82
C ALA B 60 -11.46 -25.84 9.36
N LEU B 61 -11.21 -24.90 8.43
CA LEU B 61 -11.05 -25.33 7.02
C LEU B 61 -9.94 -26.40 6.86
N ALA B 62 -8.89 -26.35 7.71
CA ALA B 62 -7.82 -27.31 7.72
C ALA B 62 -8.14 -28.66 8.41
N GLY B 63 -9.27 -28.77 9.10
CA GLY B 63 -9.67 -29.97 9.76
C GLY B 63 -9.20 -30.08 11.20
N TYR B 64 -8.71 -28.98 11.82
CA TYR B 64 -8.23 -29.04 13.21
C TYR B 64 -9.16 -28.42 14.27
N ALA B 65 -9.92 -27.38 13.97
CA ALA B 65 -10.82 -26.73 14.94
C ALA B 65 -12.25 -27.13 14.59
N ASN B 66 -13.06 -27.24 15.60
CA ASN B 66 -14.49 -27.43 15.35
C ASN B 66 -15.38 -26.63 16.30
N GLN B 67 -14.74 -25.77 17.11
CA GLN B 67 -15.44 -24.84 18.02
C GLN B 67 -14.73 -23.53 17.97
N ILE B 68 -15.48 -22.46 17.86
CA ILE B 68 -15.04 -21.12 17.83
C ILE B 68 -15.96 -20.30 18.70
N GLU B 69 -15.42 -19.54 19.62
CA GLU B 69 -16.23 -18.72 20.51
C GLU B 69 -15.82 -17.27 20.39
N VAL B 70 -16.76 -16.36 20.18
CA VAL B 70 -16.55 -14.98 20.20
C VAL B 70 -17.29 -14.27 21.35
N VAL B 71 -16.58 -13.56 22.24
CA VAL B 71 -17.17 -13.00 23.40
C VAL B 71 -16.96 -11.52 23.34
N ILE B 72 -18.01 -10.74 23.51
CA ILE B 72 -17.86 -9.30 23.76
C ILE B 72 -17.79 -9.08 25.26
N GLU B 73 -16.61 -8.73 25.69
CA GLU B 73 -16.34 -8.49 27.13
C GLU B 73 -16.52 -7.12 27.57
N LYS B 74 -16.48 -6.93 28.88
CA LYS B 74 -16.56 -5.62 29.51
C LYS B 74 -15.60 -4.67 28.83
N ASP B 75 -16.06 -3.39 28.72
CA ASP B 75 -15.35 -2.32 28.07
CA ASP B 75 -15.30 -2.32 28.07
C ASP B 75 -15.05 -2.61 26.59
N ASN B 76 -15.88 -3.44 25.97
CA ASN B 76 -15.75 -3.75 24.56
C ASN B 76 -14.36 -4.31 24.12
N TRP B 77 -13.80 -5.16 25.00
CA TRP B 77 -12.81 -6.09 24.56
C TRP B 77 -13.52 -7.19 23.77
N ILE B 78 -12.80 -7.84 22.83
CA ILE B 78 -13.29 -8.93 22.07
C ILE B 78 -12.34 -10.11 22.40
N LYS B 79 -12.89 -11.27 22.67
CA LYS B 79 -12.11 -12.50 22.84
C LYS B 79 -12.60 -13.53 21.86
N VAL B 80 -11.67 -14.08 21.13
CA VAL B 80 -11.92 -15.13 20.15
C VAL B 80 -11.10 -16.36 20.50
N THR B 81 -11.75 -17.48 20.69
CA THR B 81 -11.16 -18.71 21.05
C THR B 81 -11.46 -19.79 20.05
N ASP B 82 -10.49 -20.58 19.65
CA ASP B 82 -10.73 -21.81 18.89
C ASP B 82 -9.98 -22.96 19.47
N ASN B 83 -10.35 -24.19 19.06
CA ASN B 83 -9.75 -25.41 19.47
C ASN B 83 -8.89 -26.07 18.39
N GLY B 84 -8.23 -25.27 17.57
CA GLY B 84 -7.42 -25.79 16.50
C GLY B 84 -6.02 -26.11 16.96
N ARG B 85 -5.02 -25.89 16.09
CA ARG B 85 -3.60 -26.39 16.33
C ARG B 85 -2.83 -25.54 17.32
N GLY B 86 -3.25 -24.28 17.53
CA GLY B 86 -2.43 -23.32 18.29
C GLY B 86 -1.52 -22.59 17.31
N ILE B 87 -1.43 -21.27 17.42
CA ILE B 87 -0.43 -20.56 16.60
C ILE B 87 0.97 -21.20 16.90
N PRO B 88 1.78 -21.52 15.87
CA PRO B 88 3.13 -22.06 16.11
C PRO B 88 3.93 -21.12 17.01
N VAL B 89 4.79 -21.71 17.80
CA VAL B 89 5.71 -20.96 18.61
C VAL B 89 7.19 -21.24 18.30
N ASP B 90 7.53 -22.10 17.34
CA ASP B 90 8.96 -22.42 17.00
C ASP B 90 9.67 -21.13 16.52
N ILE B 91 10.94 -20.96 16.88
CA ILE B 91 11.68 -19.76 16.52
C ILE B 91 11.85 -19.81 15.03
N GLN B 92 11.51 -18.72 14.38
CA GLN B 92 11.66 -18.61 12.91
C GLN B 92 13.09 -18.39 12.45
N GLU B 93 13.39 -18.97 11.30
CA GLU B 93 14.76 -19.02 10.74
C GLU B 93 15.40 -17.65 10.59
N LYS B 94 14.63 -16.68 10.09
CA LYS B 94 15.17 -15.37 9.71
C LYS B 94 15.00 -14.31 10.78
N MET B 95 13.95 -14.42 11.56
CA MET B 95 13.58 -13.36 12.49
C MET B 95 14.27 -13.47 13.86
N GLY B 96 14.61 -14.68 14.26
CA GLY B 96 15.12 -14.91 15.61
C GLY B 96 14.01 -14.85 16.67
N ARG B 97 12.74 -14.89 16.23
CA ARG B 97 11.61 -14.77 17.15
C ARG B 97 10.60 -15.88 16.97
N PRO B 98 9.85 -16.20 18.05
CA PRO B 98 8.77 -17.20 17.93
C PRO B 98 7.75 -16.85 16.81
N ALA B 99 7.31 -17.84 16.08
CA ALA B 99 6.37 -17.63 14.98
C ALA B 99 5.18 -16.77 15.44
N VAL B 100 4.65 -17.01 16.63
CA VAL B 100 3.45 -16.27 17.11
C VAL B 100 3.73 -14.77 17.24
N GLU B 101 4.91 -14.40 17.77
CA GLU B 101 5.29 -13.02 17.81
C GLU B 101 5.37 -12.38 16.39
N VAL B 102 6.00 -13.06 15.47
CA VAL B 102 6.17 -12.60 14.07
CA VAL B 102 6.13 -12.51 14.11
C VAL B 102 4.77 -12.41 13.44
N ILE B 103 3.95 -13.43 13.62
CA ILE B 103 2.60 -13.45 13.03
C ILE B 103 1.79 -12.29 13.62
N LEU B 104 1.79 -12.14 14.93
CA LEU B 104 0.97 -11.11 15.58
C LEU B 104 1.50 -9.68 15.47
N THR B 105 2.82 -9.47 15.41
CA THR B 105 3.34 -8.07 15.21
C THR B 105 3.11 -7.69 13.72
N SER B 106 2.76 -8.58 12.79
CA SER B 106 2.34 -8.43 11.41
C SER B 106 0.85 -8.33 11.25
N SER B 107 0.09 -8.24 12.34
CA SER B 107 -1.41 -8.25 12.22
C SER B 107 -1.97 -6.86 12.26
N VAL B 108 -2.85 -6.54 11.32
CA VAL B 108 -3.55 -5.26 11.29
C VAL B 108 -4.37 -5.00 12.55
N VAL B 109 -5.02 -6.06 13.05
CA VAL B 109 -5.83 -5.92 14.27
C VAL B 109 -4.99 -5.54 15.47
N ASN B 110 -3.84 -6.18 15.59
CA ASN B 110 -2.93 -5.88 16.67
C ASN B 110 -2.47 -4.40 16.56
N ALA B 111 -2.05 -3.97 15.37
CA ALA B 111 -1.60 -2.58 15.12
C ALA B 111 -2.63 -1.53 15.56
N LEU B 112 -3.90 -1.88 15.29
CA LEU B 112 -5.03 -1.02 15.62
C LEU B 112 -5.70 -1.30 16.98
N SER B 113 -5.08 -2.09 17.86
CA SER B 113 -5.60 -2.22 19.21
C SER B 113 -4.74 -1.51 20.21
N GLN B 114 -5.36 -0.87 21.19
CA GLN B 114 -4.60 -0.31 22.30
C GLN B 114 -3.95 -1.43 23.09
N ASP B 115 -4.60 -2.60 23.17
CA ASP B 115 -4.03 -3.73 23.89
C ASP B 115 -4.51 -4.97 23.19
N LEU B 116 -3.61 -5.92 23.09
CA LEU B 116 -3.99 -7.30 22.60
C LEU B 116 -3.21 -8.35 23.36
N GLU B 117 -3.89 -9.42 23.75
CA GLU B 117 -3.31 -10.57 24.46
CA GLU B 117 -3.16 -10.53 24.33
C GLU B 117 -3.48 -11.85 23.61
N VAL B 118 -2.53 -12.77 23.63
CA VAL B 118 -2.70 -14.08 23.04
C VAL B 118 -2.35 -15.14 24.07
N TYR B 119 -3.09 -16.26 24.05
CA TYR B 119 -2.72 -17.47 24.79
C TYR B 119 -2.74 -18.60 23.80
N VAL B 120 -1.68 -19.34 23.68
CA VAL B 120 -1.59 -20.49 22.77
C VAL B 120 -1.46 -21.75 23.63
N HIS B 121 -2.27 -22.75 23.31
CA HIS B 121 -2.14 -24.11 23.88
C HIS B 121 -1.52 -25.03 22.87
N ARG B 122 -0.30 -25.45 23.10
CA ARG B 122 0.31 -26.56 22.29
C ARG B 122 1.51 -27.04 23.06
N ASN B 123 2.02 -28.20 22.67
CA ASN B 123 3.19 -28.74 23.39
C ASN B 123 2.96 -28.88 24.87
N GLU B 124 1.73 -29.19 25.26
CA GLU B 124 1.33 -29.30 26.67
C GLU B 124 1.59 -28.06 27.53
N THR B 125 1.66 -26.94 26.85
CA THR B 125 2.08 -25.69 27.45
C THR B 125 1.11 -24.59 27.06
N ILE B 126 0.90 -23.65 27.96
CA ILE B 126 0.18 -22.38 27.65
C ILE B 126 1.20 -21.29 27.56
N TYR B 127 1.22 -20.62 26.40
CA TYR B 127 2.16 -19.52 26.10
C TYR B 127 1.39 -18.24 26.03
N HIS B 128 1.96 -17.19 26.60
CA HIS B 128 1.30 -15.92 26.69
C HIS B 128 2.18 -14.78 26.18
N GLN B 129 1.62 -13.81 25.45
CA GLN B 129 2.29 -12.56 25.05
C GLN B 129 1.21 -11.47 24.96
N ALA B 130 1.57 -10.24 25.34
CA ALA B 130 0.69 -9.11 25.23
C ALA B 130 1.41 -7.95 24.51
N TYR B 131 0.60 -7.08 23.93
CA TYR B 131 1.05 -6.05 23.01
C TYR B 131 0.26 -4.80 23.32
N LYS B 132 0.81 -3.65 22.92
CA LYS B 132 0.15 -2.34 22.93
C LYS B 132 0.46 -1.71 21.56
N LYS B 133 -0.60 -1.45 20.78
CA LYS B 133 -0.51 -0.97 19.39
C LYS B 133 0.45 -1.82 18.55
N GLY B 134 0.46 -3.12 18.81
CA GLY B 134 1.23 -4.03 18.00
C GLY B 134 2.63 -4.37 18.52
N VAL B 135 3.12 -3.57 19.47
CA VAL B 135 4.41 -3.71 20.14
C VAL B 135 4.38 -4.71 21.34
N PRO B 136 5.09 -5.82 21.21
CA PRO B 136 5.23 -6.76 22.35
C PRO B 136 5.70 -6.10 23.61
N GLN B 137 4.93 -6.24 24.66
CA GLN B 137 5.28 -5.73 25.99
C GLN B 137 6.31 -6.61 26.73
N PHE B 138 6.47 -7.86 26.30
CA PHE B 138 7.36 -8.85 26.89
C PHE B 138 7.47 -10.03 25.93
N ASP B 139 8.50 -10.83 26.11
CA ASP B 139 8.71 -12.01 25.30
C ASP B 139 7.62 -13.03 25.59
N LEU B 140 7.30 -13.82 24.59
CA LEU B 140 6.43 -14.89 24.74
C LEU B 140 6.92 -15.74 25.94
N LYS B 141 6.02 -16.13 26.82
CA LYS B 141 6.43 -16.88 27.99
C LYS B 141 5.44 -17.99 28.29
N GLU B 142 5.97 -18.98 28.97
CA GLU B 142 5.15 -20.06 29.47
CA GLU B 142 5.20 -20.09 29.47
C GLU B 142 4.44 -19.63 30.74
N VAL B 143 3.13 -19.87 30.73
CA VAL B 143 2.29 -19.51 31.85
C VAL B 143 1.43 -20.67 32.42
N GLY B 144 1.56 -21.90 31.92
CA GLY B 144 0.82 -22.98 32.50
C GLY B 144 0.98 -24.21 31.65
N THR B 145 0.20 -25.24 32.03
CA THR B 145 0.26 -26.57 31.40
CA THR B 145 0.25 -26.57 31.37
C THR B 145 -1.11 -26.88 30.82
N THR B 146 -1.19 -27.74 29.77
CA THR B 146 -2.44 -28.05 29.18
C THR B 146 -2.34 -29.40 28.51
N ASP B 147 -3.49 -29.96 28.17
CA ASP B 147 -3.56 -31.13 27.29
C ASP B 147 -4.38 -30.89 26.07
N LYS B 148 -4.62 -29.60 25.76
CA LYS B 148 -5.48 -29.15 24.67
C LYS B 148 -4.58 -28.41 23.68
N THR B 149 -5.07 -28.23 22.45
CA THR B 149 -4.39 -27.39 21.48
C THR B 149 -5.43 -26.38 21.01
N GLY B 150 -5.01 -25.13 20.88
CA GLY B 150 -5.91 -24.08 20.39
C GLY B 150 -5.35 -22.71 20.72
N THR B 151 -6.14 -21.70 20.48
CA THR B 151 -5.73 -20.27 20.55
C THR B 151 -6.77 -19.32 21.15
N VAL B 152 -6.37 -18.44 22.06
CA VAL B 152 -7.21 -17.41 22.51
C VAL B 152 -6.56 -16.08 22.09
N ILE B 153 -7.34 -15.18 21.50
CA ILE B 153 -6.90 -13.82 21.21
C ILE B 153 -7.90 -12.85 21.82
N ARG B 154 -7.48 -11.94 22.68
CA ARG B 154 -8.33 -10.90 23.30
C ARG B 154 -7.77 -9.51 22.93
N PHE B 155 -8.63 -8.62 22.47
CA PHE B 155 -8.17 -7.29 22.04
C PHE B 155 -9.12 -6.18 22.33
N LYS B 156 -8.54 -4.97 22.53
CA LYS B 156 -9.33 -3.77 22.76
C LYS B 156 -8.93 -2.78 21.66
N ALA B 157 -9.86 -2.55 20.73
CA ALA B 157 -9.67 -1.55 19.67
C ALA B 157 -9.21 -0.20 20.21
N ASP B 158 -8.26 0.41 19.51
CA ASP B 158 -7.66 1.66 19.92
C ASP B 158 -8.63 2.81 19.75
N GLY B 159 -8.93 3.42 20.89
CA GLY B 159 -9.84 4.58 20.95
C GLY B 159 -9.32 5.86 20.30
N GLU B 160 -8.01 5.92 20.05
CA GLU B 160 -7.43 7.06 19.32
C GLU B 160 -7.57 6.89 17.80
N ILE B 161 -7.88 5.66 17.36
CA ILE B 161 -8.09 5.34 15.94
CA ILE B 161 -8.11 5.35 15.94
C ILE B 161 -9.58 5.30 15.59
N PHE B 162 -10.35 4.51 16.34
CA PHE B 162 -11.82 4.39 16.10
C PHE B 162 -12.51 5.48 16.84
N THR B 163 -12.52 6.67 16.24
CA THR B 163 -13.01 7.89 16.89
C THR B 163 -14.54 7.98 17.03
N GLU B 164 -15.28 7.43 16.07
CA GLU B 164 -16.73 7.54 16.07
C GLU B 164 -17.34 6.62 17.13
N THR B 165 -16.91 5.38 17.13
CA THR B 165 -17.37 4.48 18.21
C THR B 165 -16.42 3.33 18.49
N THR B 166 -16.35 2.89 19.74
CA THR B 166 -15.68 1.59 20.02
C THR B 166 -16.67 0.62 20.64
N VAL B 167 -17.97 0.88 20.44
CA VAL B 167 -19.01 -0.03 20.92
C VAL B 167 -19.46 -1.00 19.85
N TYR B 168 -19.34 -2.31 20.11
CA TYR B 168 -19.77 -3.33 19.15
C TYR B 168 -21.30 -3.52 19.12
N ASN B 169 -21.83 -3.98 18.00
CA ASN B 169 -23.28 -4.18 17.88
C ASN B 169 -23.56 -5.68 17.84
N TYR B 170 -24.26 -6.20 18.85
CA TYR B 170 -24.51 -7.61 18.92
C TYR B 170 -25.13 -8.20 17.67
N GLU B 171 -26.12 -7.49 17.14
CA GLU B 171 -26.89 -8.01 16.01
CA GLU B 171 -26.87 -8.04 15.97
C GLU B 171 -26.01 -8.11 14.72
N THR B 172 -25.13 -7.11 14.51
CA THR B 172 -24.16 -7.13 13.42
C THR B 172 -23.24 -8.37 13.52
N LEU B 173 -22.73 -8.64 14.73
CA LEU B 173 -21.94 -9.80 14.92
C LEU B 173 -22.73 -11.06 14.78
N GLN B 174 -23.96 -11.08 15.29
CA GLN B 174 -24.73 -12.28 15.25
C GLN B 174 -25.04 -12.70 13.81
N GLN B 175 -25.42 -11.72 13.00
CA GLN B 175 -25.78 -12.06 11.60
C GLN B 175 -24.59 -12.66 10.86
N ARG B 176 -23.40 -12.09 11.01
CA ARG B 176 -22.26 -12.69 10.27
C ARG B 176 -21.85 -14.04 10.86
N ILE B 177 -21.93 -14.20 12.17
CA ILE B 177 -21.57 -15.44 12.75
C ILE B 177 -22.46 -16.58 12.28
N ARG B 178 -23.76 -16.30 12.15
CA ARG B 178 -24.66 -17.29 11.60
C ARG B 178 -24.32 -17.61 10.14
N GLU B 179 -24.00 -16.60 9.36
CA GLU B 179 -23.48 -16.84 7.96
C GLU B 179 -22.25 -17.77 7.95
N LEU B 180 -21.25 -17.49 8.81
CA LEU B 180 -20.07 -18.29 8.82
C LEU B 180 -20.33 -19.71 9.20
N ALA B 181 -21.23 -19.92 10.17
CA ALA B 181 -21.60 -21.22 10.56
C ALA B 181 -22.31 -22.01 9.47
N PHE B 182 -23.16 -21.31 8.73
CA PHE B 182 -23.85 -21.88 7.56
C PHE B 182 -22.82 -22.28 6.45
N LEU B 183 -21.82 -21.43 6.25
CA LEU B 183 -20.71 -21.72 5.30
C LEU B 183 -19.85 -22.89 5.76
N ASN B 184 -19.71 -23.03 7.08
CA ASN B 184 -18.84 -24.06 7.64
C ASN B 184 -19.57 -25.11 8.47
N LYS B 185 -20.16 -26.07 7.76
CA LYS B 185 -21.05 -27.04 8.40
CA LYS B 185 -21.05 -27.05 8.38
C LYS B 185 -20.29 -27.81 9.43
N GLY B 186 -20.91 -28.05 10.56
CA GLY B 186 -20.31 -28.91 11.53
C GLY B 186 -19.31 -28.17 12.42
N ILE B 187 -19.11 -26.88 12.19
CA ILE B 187 -18.36 -26.02 13.17
C ILE B 187 -19.34 -25.25 14.09
N GLN B 188 -19.12 -25.40 15.41
CA GLN B 188 -19.96 -24.74 16.38
C GLN B 188 -19.37 -23.36 16.61
N ILE B 189 -20.06 -22.29 16.31
CA ILE B 189 -19.68 -20.90 16.50
C ILE B 189 -20.59 -20.26 17.53
N THR B 190 -20.04 -19.90 18.66
CA THR B 190 -20.79 -19.22 19.72
C THR B 190 -20.43 -17.73 19.87
N LEU B 191 -21.43 -16.88 20.00
CA LEU B 191 -21.33 -15.46 20.29
C LEU B 191 -21.90 -15.24 21.66
N ARG B 192 -21.16 -14.60 22.54
CA ARG B 192 -21.70 -14.15 23.81
C ARG B 192 -21.42 -12.69 24.11
N ASP B 193 -22.38 -12.01 24.69
CA ASP B 193 -22.19 -10.64 25.16
C ASP B 193 -22.18 -10.63 26.66
N GLU B 194 -21.05 -10.23 27.20
CA GLU B 194 -20.83 -10.18 28.63
C GLU B 194 -20.68 -8.78 29.10
N ARG B 195 -20.94 -7.78 28.25
CA ARG B 195 -20.80 -6.41 28.65
C ARG B 195 -21.80 -6.00 29.74
N ASP B 196 -23.00 -6.58 29.79
CA ASP B 196 -23.94 -6.27 30.90
C ASP B 196 -23.80 -7.54 31.81
N GLU B 197 -23.06 -7.45 32.91
CA GLU B 197 -22.84 -8.62 33.79
C GLU B 197 -24.17 -9.26 34.32
N GLU B 198 -25.20 -8.45 34.41
CA GLU B 198 -26.47 -8.91 34.93
C GLU B 198 -27.39 -9.51 33.89
N ASN B 199 -27.04 -9.35 32.59
CA ASN B 199 -27.92 -9.65 31.49
CA ASN B 199 -27.96 -9.70 31.48
C ASN B 199 -27.07 -10.23 30.34
N VAL B 200 -26.64 -11.50 30.45
CA VAL B 200 -25.75 -12.07 29.50
C VAL B 200 -26.52 -12.80 28.42
N ARG B 201 -26.21 -12.49 27.16
CA ARG B 201 -26.80 -13.20 26.06
C ARG B 201 -25.81 -14.09 25.30
N GLU B 202 -26.28 -15.26 24.85
CA GLU B 202 -25.45 -16.18 24.06
C GLU B 202 -26.28 -16.80 22.94
N ASP B 203 -25.70 -16.90 21.72
CA ASP B 203 -26.30 -17.62 20.62
C ASP B 203 -25.23 -18.53 20.08
N SER B 204 -25.52 -19.81 19.90
CA SER B 204 -24.57 -20.77 19.44
C SER B 204 -25.13 -21.41 18.16
N TYR B 205 -24.34 -21.41 17.11
CA TYR B 205 -24.81 -21.87 15.81
C TYR B 205 -24.03 -23.12 15.42
N HIS B 206 -24.71 -24.14 14.89
CA HIS B 206 -24.06 -25.37 14.56
C HIS B 206 -24.89 -26.11 13.50
N TYR B 207 -24.55 -25.90 12.24
CA TYR B 207 -25.42 -26.41 11.10
C TYR B 207 -24.88 -27.76 10.75
N GLU B 208 -25.68 -28.83 10.84
CA GLU B 208 -25.09 -30.19 10.82
C GLU B 208 -24.62 -30.59 9.42
N GLY B 209 -23.37 -31.03 9.35
CA GLY B 209 -22.80 -31.56 8.10
C GLY B 209 -21.46 -32.25 8.31
#